data_2PUJ
#
_entry.id   2PUJ
#
_cell.length_a   116.805
_cell.length_b   116.805
_cell.length_c   87.528
_cell.angle_alpha   90.00
_cell.angle_beta   90.00
_cell.angle_gamma   90.00
#
_symmetry.space_group_name_H-M   'I 41 2 2'
#
loop_
_entity.id
_entity.type
_entity.pdbx_description
1 polymer '2-hydroxy-6-oxo-6-phenylhexa-2,4-dienoate hydrolase'
2 non-polymer 'SODIUM ION'
3 non-polymer 'MALONATE ION'
4 non-polymer '(2E,4E)-2-HYDROXY-6-OXO-6-PHENYLHEXA-2,4-DIENOIC ACID'
5 water water
#
_entity_poly.entity_id   1
_entity_poly.type   'polypeptide(L)'
_entity_poly.pdbx_seq_one_letter_code
;MTALTESSTSKFVKINEKGFSDFNIHYNEAGNGETVIMLHGGGPGAGGWSNYYRNVGPFVDAGYRVILKDSPGFNKSDAV
VMDEQRGLVNARAVKGLMDALDIDRAHLVGNAMGGATALNFALEYPDRIGKLILMGPGGLGPSMFAPMPMEGIKLLFKLY
AEPSYETLKQMLQVFLYDQSLITEELLQGRWEAIQRQPEHLKNFLISAQKAPLSTWDVTARLGEIKAKTFITWGRDDRFV
PLDHGLKLLWNIDDARLHVFSKCGAWAQWEHADEFNRLVIDFLRHA
;
_entity_poly.pdbx_strand_id   A
#
# COMPACT_ATOMS: atom_id res chain seq x y z
N LEU A 4 9.41 -5.21 18.67
CA LEU A 4 9.51 -3.96 17.84
C LEU A 4 8.31 -3.07 18.10
N THR A 5 8.56 -1.76 18.14
CA THR A 5 7.52 -0.77 18.32
C THR A 5 7.63 0.30 17.24
N GLU A 6 6.55 1.05 17.06
CA GLU A 6 6.55 2.18 16.14
C GLU A 6 7.65 3.17 16.51
N SER A 7 7.76 3.48 17.82
CA SER A 7 8.72 4.47 18.29
CA SER A 7 8.73 4.47 18.26
C SER A 7 10.18 4.04 18.05
N SER A 8 10.48 2.77 18.36
CA SER A 8 11.85 2.28 18.23
C SER A 8 12.33 2.17 16.79
N THR A 9 11.38 2.04 15.86
CA THR A 9 11.70 1.82 14.45
C THR A 9 11.55 3.10 13.61
N SER A 10 11.03 4.15 14.21
CA SER A 10 10.70 5.40 13.51
C SER A 10 11.91 6.16 13.00
N LYS A 11 11.89 6.48 11.69
CA LYS A 11 12.93 7.28 11.08
C LYS A 11 12.36 8.28 10.07
N PHE A 12 13.14 9.30 9.74
CA PHE A 12 12.80 10.30 8.74
C PHE A 12 13.95 10.47 7.76
N VAL A 13 13.60 10.73 6.50
CA VAL A 13 14.61 10.98 5.48
C VAL A 13 14.07 12.00 4.48
N LYS A 14 14.92 12.95 4.08
CA LYS A 14 14.50 13.97 3.12
C LYS A 14 14.79 13.41 1.73
N ILE A 15 13.83 13.55 0.81
CA ILE A 15 14.03 13.05 -0.55
C ILE A 15 14.05 14.15 -1.60
N ASN A 16 14.73 13.85 -2.70
CA ASN A 16 14.95 14.76 -3.82
C ASN A 16 14.90 13.96 -5.12
N GLU A 17 13.70 13.83 -5.66
CA GLU A 17 13.48 13.07 -6.89
C GLU A 17 12.44 13.81 -7.68
N LYS A 18 12.80 14.14 -8.91
CA LYS A 18 11.92 14.88 -9.82
C LYS A 18 11.27 16.08 -9.13
N GLY A 19 9.96 16.01 -8.91
CA GLY A 19 9.21 17.11 -8.33
C GLY A 19 9.50 17.38 -6.86
N PHE A 20 9.98 16.36 -6.17
CA PHE A 20 10.24 16.43 -4.73
C PHE A 20 11.54 17.18 -4.41
N SER A 21 11.43 18.20 -3.56
CA SER A 21 12.60 18.92 -3.09
C SER A 21 12.61 18.97 -1.56
N ASP A 22 13.63 18.38 -0.97
CA ASP A 22 13.79 18.32 0.48
C ASP A 22 12.46 17.91 1.13
N PHE A 23 11.86 16.85 0.60
CA PHE A 23 10.55 16.40 1.02
C PHE A 23 10.70 15.32 2.09
N ASN A 24 10.03 15.53 3.22
CA ASN A 24 10.18 14.65 4.37
C ASN A 24 9.37 13.37 4.24
N ILE A 25 10.07 12.24 4.28
CA ILE A 25 9.44 10.93 4.29
C ILE A 25 9.68 10.26 5.63
N HIS A 26 8.59 9.83 6.27
CA HIS A 26 8.64 9.01 7.48
C HIS A 26 8.54 7.53 7.14
N TYR A 27 9.31 6.71 7.85
CA TYR A 27 9.26 5.27 7.66
C TYR A 27 9.62 4.57 8.96
N ASN A 28 9.28 3.29 9.06
CA ASN A 28 9.65 2.46 10.21
C ASN A 28 10.52 1.33 9.68
N GLU A 29 11.70 1.18 10.27
CA GLU A 29 12.71 0.22 9.77
CA GLU A 29 12.69 0.23 9.76
C GLU A 29 13.13 -0.77 10.84
N ALA A 30 13.23 -2.03 10.47
CA ALA A 30 13.82 -3.04 11.36
C ALA A 30 14.50 -4.10 10.50
N GLY A 31 15.47 -4.81 11.07
CA GLY A 31 16.19 -5.84 10.31
C GLY A 31 17.33 -5.28 9.48
N ASN A 32 18.17 -6.17 8.93
CA ASN A 32 19.35 -5.73 8.18
C ASN A 32 19.71 -6.51 6.92
N GLY A 33 18.88 -7.48 6.52
CA GLY A 33 19.12 -8.26 5.30
C GLY A 33 18.62 -7.56 4.03
N GLU A 34 18.25 -8.35 3.02
CA GLU A 34 17.71 -7.81 1.78
C GLU A 34 16.53 -6.92 2.12
N THR A 35 16.45 -5.77 1.44
CA THR A 35 15.42 -4.78 1.75
C THR A 35 14.07 -5.14 1.13
N VAL A 36 13.03 -5.07 1.97
CA VAL A 36 11.64 -5.21 1.53
C VAL A 36 10.94 -3.93 1.92
N ILE A 37 10.44 -3.18 0.94
CA ILE A 37 9.71 -1.95 1.24
C ILE A 37 8.22 -2.26 1.13
N MET A 38 7.50 -1.99 2.21
CA MET A 38 6.07 -2.23 2.25
C MET A 38 5.30 -0.91 2.19
N LEU A 39 4.29 -0.88 1.32
CA LEU A 39 3.62 0.33 0.90
C LEU A 39 2.12 0.23 1.22
N HIS A 40 1.57 1.28 1.82
CA HIS A 40 0.19 1.21 2.35
C HIS A 40 -0.88 1.76 1.41
N GLY A 41 -2.13 1.50 1.80
CA GLY A 41 -3.31 1.97 1.06
C GLY A 41 -3.61 3.43 1.27
N GLY A 42 -4.67 3.89 0.60
CA GLY A 42 -4.97 5.33 0.55
C GLY A 42 -6.08 5.84 1.43
N GLY A 43 -6.52 5.04 2.41
CA GLY A 43 -7.61 5.46 3.28
C GLY A 43 -7.17 6.51 4.28
N PRO A 44 -8.12 7.32 4.79
CA PRO A 44 -7.81 8.33 5.81
C PRO A 44 -7.14 7.68 7.00
N GLY A 45 -5.99 8.21 7.39
CA GLY A 45 -5.30 7.72 8.59
C GLY A 45 -4.36 6.55 8.31
N ALA A 46 -4.27 6.14 7.05
CA ALA A 46 -3.34 5.06 6.71
C ALA A 46 -1.87 5.41 6.94
N GLY A 47 -1.06 4.41 7.26
CA GLY A 47 0.36 4.63 7.37
C GLY A 47 1.07 3.29 7.41
N GLY A 48 2.39 3.32 7.31
CA GLY A 48 3.19 2.10 7.21
C GLY A 48 3.09 1.17 8.41
N TRP A 49 3.34 1.72 9.60
CA TRP A 49 3.29 0.91 10.81
C TRP A 49 1.92 0.26 11.06
N SER A 50 0.84 1.05 11.04
CA SER A 50 -0.47 0.47 11.31
C SER A 50 -0.90 -0.55 10.28
N ASN A 51 -0.45 -0.37 9.04
CA ASN A 51 -0.86 -1.27 7.96
C ASN A 51 -0.17 -2.62 8.00
N TYR A 52 1.05 -2.62 8.55
CA TYR A 52 1.90 -3.78 8.44
C TYR A 52 2.43 -4.28 9.78
N TYR A 53 1.80 -3.89 10.87
CA TYR A 53 2.41 -4.26 12.15
C TYR A 53 2.37 -5.77 12.44
N ARG A 54 1.50 -6.52 11.77
CA ARG A 54 1.47 -7.98 11.92
C ARG A 54 2.48 -8.68 10.98
N ASN A 55 3.18 -7.90 10.16
CA ASN A 55 4.06 -8.46 9.14
C ASN A 55 5.52 -8.13 9.39
N VAL A 56 5.76 -6.98 9.98
CA VAL A 56 7.13 -6.54 10.16
C VAL A 56 8.00 -7.57 10.93
N GLY A 57 7.47 -8.11 12.02
CA GLY A 57 8.23 -9.03 12.87
C GLY A 57 8.63 -10.30 12.13
N PRO A 58 7.65 -11.05 11.61
CA PRO A 58 8.03 -12.25 10.86
C PRO A 58 8.98 -12.04 9.68
N PHE A 59 8.87 -10.92 8.97
CA PHE A 59 9.78 -10.69 7.85
C PHE A 59 11.19 -10.42 8.35
N VAL A 60 11.30 -9.61 9.41
CA VAL A 60 12.59 -9.36 10.06
C VAL A 60 13.19 -10.68 10.60
N ASP A 61 12.37 -11.49 11.26
CA ASP A 61 12.78 -12.84 11.74
C ASP A 61 13.33 -13.71 10.61
N ALA A 62 12.74 -13.57 9.42
CA ALA A 62 13.15 -14.34 8.25
C ALA A 62 14.43 -13.82 7.64
N GLY A 63 14.87 -12.66 8.11
CA GLY A 63 16.16 -12.13 7.67
C GLY A 63 16.12 -10.95 6.73
N TYR A 64 14.94 -10.34 6.54
CA TYR A 64 14.86 -9.16 5.69
C TYR A 64 15.03 -7.86 6.45
N ARG A 65 15.45 -6.82 5.73
CA ARG A 65 15.37 -5.47 6.25
C ARG A 65 14.04 -4.90 5.78
N VAL A 66 13.17 -4.59 6.74
CA VAL A 66 11.82 -4.15 6.41
C VAL A 66 11.72 -2.64 6.59
N ILE A 67 11.24 -1.95 5.55
CA ILE A 67 10.96 -0.53 5.62
C ILE A 67 9.46 -0.35 5.39
N LEU A 68 8.74 0.13 6.40
CA LEU A 68 7.32 0.44 6.27
C LEU A 68 7.25 1.92 5.96
N LYS A 69 6.97 2.26 4.70
CA LYS A 69 7.06 3.63 4.23
C LYS A 69 5.73 4.37 4.35
N ASP A 70 5.76 5.62 4.84
CA ASP A 70 4.60 6.48 4.72
C ASP A 70 4.63 7.19 3.37
N SER A 71 3.61 6.99 2.55
CA SER A 71 3.57 7.66 1.25
C SER A 71 3.35 9.17 1.45
N PRO A 72 3.78 9.98 0.47
CA PRO A 72 3.56 11.44 0.57
C PRO A 72 2.09 11.75 0.85
N GLY A 73 1.81 12.68 1.77
CA GLY A 73 0.43 13.03 2.07
C GLY A 73 -0.30 12.05 2.97
N PHE A 74 0.48 11.19 3.63
CA PHE A 74 -0.06 10.27 4.62
C PHE A 74 0.78 10.26 5.88
N ASN A 75 0.08 10.03 6.99
CA ASN A 75 0.72 9.86 8.29
C ASN A 75 1.81 10.92 8.54
N LYS A 76 3.03 10.49 8.82
CA LYS A 76 4.06 11.44 9.22
C LYS A 76 4.95 11.92 8.09
N SER A 77 4.63 11.55 6.85
CA SER A 77 5.34 12.12 5.73
C SER A 77 4.74 13.50 5.44
N ASP A 78 5.48 14.32 4.68
CA ASP A 78 5.05 15.69 4.39
C ASP A 78 3.72 15.74 3.64
N ALA A 79 3.00 16.85 3.86
CA ALA A 79 1.76 17.12 3.14
C ALA A 79 2.07 17.45 1.70
N VAL A 80 1.15 17.11 0.79
CA VAL A 80 1.36 17.37 -0.63
C VAL A 80 0.02 17.36 -1.35
N VAL A 81 -0.10 18.21 -2.38
CA VAL A 81 -1.23 18.14 -3.31
C VAL A 81 -0.65 17.61 -4.60
N MET A 82 -1.22 16.51 -5.10
CA MET A 82 -0.70 15.88 -6.31
C MET A 82 -1.57 16.23 -7.51
N ASP A 83 -0.95 16.56 -8.64
CA ASP A 83 -1.73 16.79 -9.86
C ASP A 83 -1.61 15.62 -10.85
N GLU A 84 -0.77 14.64 -10.52
CA GLU A 84 -0.63 13.42 -11.29
C GLU A 84 -1.18 12.26 -10.48
N GLN A 85 -1.45 11.15 -11.16
CA GLN A 85 -1.94 9.94 -10.49
C GLN A 85 -0.99 9.51 -9.37
N ARG A 86 -1.57 9.10 -8.24
CA ARG A 86 -0.77 8.91 -7.00
C ARG A 86 0.19 7.77 -7.10
N GLY A 87 -0.16 6.75 -7.87
CA GLY A 87 0.72 5.60 -8.00
C GLY A 87 2.09 5.99 -8.49
N LEU A 88 2.11 6.85 -9.50
CA LEU A 88 3.36 7.29 -10.10
C LEU A 88 4.16 8.22 -9.16
N VAL A 89 3.45 9.18 -8.56
CA VAL A 89 4.08 10.16 -7.66
C VAL A 89 4.65 9.41 -6.46
N ASN A 90 3.84 8.51 -5.91
CA ASN A 90 4.31 7.62 -4.84
C ASN A 90 5.54 6.80 -5.20
N ALA A 91 5.59 6.26 -6.43
CA ALA A 91 6.74 5.48 -6.87
C ALA A 91 8.01 6.35 -6.95
N ARG A 92 7.84 7.59 -7.40
CA ARG A 92 8.94 8.56 -7.43
C ARG A 92 9.48 8.74 -6.01
N ALA A 93 8.57 8.78 -5.04
CA ALA A 93 9.00 8.94 -3.65
C ALA A 93 9.76 7.71 -3.13
N VAL A 94 9.33 6.49 -3.49
CA VAL A 94 10.09 5.29 -3.16
C VAL A 94 11.52 5.34 -3.72
N LYS A 95 11.66 5.77 -4.97
CA LYS A 95 12.98 5.90 -5.58
C LYS A 95 13.80 6.94 -4.81
N GLY A 96 13.16 8.05 -4.49
CA GLY A 96 13.83 9.12 -3.70
C GLY A 96 14.35 8.57 -2.37
N LEU A 97 13.51 7.79 -1.70
CA LEU A 97 13.93 7.15 -0.45
C LEU A 97 15.09 6.17 -0.65
N MET A 98 15.00 5.32 -1.67
CA MET A 98 16.05 4.33 -1.91
C MET A 98 17.37 5.02 -2.23
N ASP A 99 17.33 6.08 -3.03
CA ASP A 99 18.55 6.80 -3.41
C ASP A 99 19.19 7.41 -2.16
N ALA A 100 18.36 8.05 -1.34
CA ALA A 100 18.82 8.69 -0.09
C ALA A 100 19.43 7.72 0.91
N LEU A 101 18.98 6.47 0.89
CA LEU A 101 19.41 5.46 1.85
C LEU A 101 20.42 4.49 1.24
N ASP A 102 20.85 4.78 0.01
CA ASP A 102 21.80 3.94 -0.73
CA ASP A 102 21.80 3.94 -0.71
C ASP A 102 21.34 2.49 -0.84
N ILE A 103 20.07 2.30 -1.19
CA ILE A 103 19.53 0.95 -1.43
C ILE A 103 19.48 0.73 -2.95
N ASP A 104 20.15 -0.31 -3.42
CA ASP A 104 20.26 -0.59 -4.87
C ASP A 104 18.98 -1.21 -5.46
N ARG A 105 18.49 -2.26 -4.83
CA ARG A 105 17.26 -2.93 -5.25
C ARG A 105 16.41 -3.18 -4.03
N ALA A 106 15.10 -3.16 -4.19
CA ALA A 106 14.22 -3.60 -3.10
C ALA A 106 13.13 -4.51 -3.63
N HIS A 107 12.72 -5.46 -2.80
CA HIS A 107 11.46 -6.18 -3.03
C HIS A 107 10.38 -5.22 -2.59
N LEU A 108 9.26 -5.16 -3.33
CA LEU A 108 8.14 -4.31 -2.93
C LEU A 108 6.92 -5.11 -2.57
N VAL A 109 6.23 -4.65 -1.53
CA VAL A 109 4.96 -5.22 -1.09
C VAL A 109 3.96 -4.07 -1.04
N GLY A 110 2.82 -4.17 -1.71
CA GLY A 110 1.88 -3.05 -1.61
C GLY A 110 0.43 -3.44 -1.76
N ASN A 111 -0.44 -2.92 -0.91
CA ASN A 111 -1.86 -3.18 -1.01
C ASN A 111 -2.60 -1.95 -1.49
N ALA A 112 -3.55 -2.15 -2.40
CA ALA A 112 -4.47 -1.10 -2.83
C ALA A 112 -3.67 0.04 -3.43
N MET A 113 -3.77 1.25 -2.89
CA MET A 113 -2.91 2.33 -3.41
C MET A 113 -1.44 1.91 -3.44
N GLY A 114 -0.99 1.20 -2.39
CA GLY A 114 0.41 0.74 -2.34
C GLY A 114 0.75 -0.26 -3.44
N GLY A 115 -0.25 -1.03 -3.87
CA GLY A 115 -0.09 -1.92 -5.03
C GLY A 115 0.09 -1.12 -6.30
N ALA A 116 -0.67 -0.04 -6.45
CA ALA A 116 -0.47 0.89 -7.57
C ALA A 116 0.94 1.49 -7.52
N THR A 117 1.37 1.94 -6.33
CA THR A 117 2.73 2.47 -6.17
C THR A 117 3.77 1.45 -6.65
N ALA A 118 3.61 0.20 -6.25
CA ALA A 118 4.57 -0.83 -6.54
C ALA A 118 4.58 -1.15 -8.06
N LEU A 119 3.39 -1.20 -8.67
CA LEU A 119 3.32 -1.40 -10.13
C LEU A 119 4.03 -0.29 -10.89
N ASN A 120 3.77 0.97 -10.51
CA ASN A 120 4.42 2.12 -11.16
C ASN A 120 5.93 2.11 -10.97
N PHE A 121 6.38 1.74 -9.77
CA PHE A 121 7.81 1.61 -9.52
C PHE A 121 8.44 0.56 -10.44
N ALA A 122 7.82 -0.62 -10.53
CA ALA A 122 8.36 -1.68 -11.39
C ALA A 122 8.42 -1.21 -12.84
N LEU A 123 7.45 -0.40 -13.26
CA LEU A 123 7.43 0.09 -14.64
C LEU A 123 8.52 1.14 -14.89
N GLU A 124 8.65 2.06 -13.94
CA GLU A 124 9.52 3.23 -14.12
C GLU A 124 10.97 2.93 -13.81
N TYR A 125 11.21 2.03 -12.86
CA TYR A 125 12.57 1.73 -12.41
C TYR A 125 12.81 0.22 -12.34
N PRO A 126 12.77 -0.47 -13.51
CA PRO A 126 12.88 -1.92 -13.49
C PRO A 126 14.22 -2.45 -12.97
N ASP A 127 15.26 -1.63 -12.99
CA ASP A 127 16.59 -1.97 -12.52
CA ASP A 127 16.54 -2.09 -12.49
C ASP A 127 16.72 -1.86 -10.99
N ARG A 128 15.69 -1.29 -10.35
CA ARG A 128 15.71 -1.04 -8.90
C ARG A 128 14.78 -1.95 -8.09
N ILE A 129 14.11 -2.89 -8.75
CA ILE A 129 13.18 -3.78 -8.06
C ILE A 129 13.69 -5.22 -8.06
N GLY A 130 13.42 -5.92 -6.95
CA GLY A 130 13.65 -7.34 -6.86
C GLY A 130 12.36 -8.02 -7.27
N LYS A 131 11.69 -8.61 -6.29
CA LYS A 131 10.37 -9.24 -6.48
C LYS A 131 9.24 -8.28 -6.17
N LEU A 132 8.04 -8.59 -6.67
CA LEU A 132 6.92 -7.68 -6.62
C LEU A 132 5.76 -8.41 -5.97
N ILE A 133 5.27 -7.89 -4.85
CA ILE A 133 4.15 -8.50 -4.15
C ILE A 133 2.99 -7.52 -4.10
N LEU A 134 1.84 -7.94 -4.65
CA LEU A 134 0.73 -7.04 -4.88
C LEU A 134 -0.50 -7.56 -4.18
N MET A 135 -1.09 -6.75 -3.30
CA MET A 135 -2.33 -7.17 -2.66
C MET A 135 -3.44 -6.25 -3.09
N GLY A 136 -4.35 -6.77 -3.92
CA GLY A 136 -5.48 -5.96 -4.39
C GLY A 136 -5.13 -4.55 -4.85
N PRO A 137 -4.19 -4.41 -5.80
CA PRO A 137 -3.77 -3.07 -6.21
C PRO A 137 -4.90 -2.28 -6.83
N GLY A 138 -4.97 -1.00 -6.46
CA GLY A 138 -6.00 -0.10 -6.99
C GLY A 138 -5.65 0.55 -8.33
N GLY A 139 -6.71 1.05 -8.97
CA GLY A 139 -6.55 1.91 -10.16
C GLY A 139 -6.41 1.25 -11.52
N LEU A 140 -6.63 -0.07 -11.61
CA LEU A 140 -6.45 -0.84 -12.86
C LEU A 140 -7.68 -0.84 -13.81
N GLY A 141 -8.40 0.28 -13.85
CA GLY A 141 -9.47 0.46 -14.83
C GLY A 141 -10.77 -0.17 -14.37
N PRO A 142 -11.72 -0.33 -15.30
CA PRO A 142 -13.01 -0.87 -14.90
C PRO A 142 -12.93 -2.35 -14.52
N SER A 143 -13.89 -2.77 -13.72
CA SER A 143 -14.11 -4.20 -13.46
C SER A 143 -15.02 -4.77 -14.56
N MET A 144 -14.86 -6.05 -14.86
CA MET A 144 -15.83 -6.73 -15.76
C MET A 144 -17.13 -7.10 -15.05
N PHE A 145 -17.16 -7.00 -13.71
CA PHE A 145 -18.33 -7.42 -12.90
C PHE A 145 -18.82 -6.40 -11.90
N ALA A 146 -17.90 -5.66 -11.28
CA ALA A 146 -18.28 -4.80 -10.17
C ALA A 146 -18.67 -3.41 -10.64
N PRO A 147 -19.85 -2.93 -10.24
CA PRO A 147 -20.16 -1.52 -10.42
C PRO A 147 -19.10 -0.65 -9.73
N MET A 148 -18.69 0.43 -10.39
CA MET A 148 -17.72 1.34 -9.83
C MET A 148 -18.27 2.76 -9.79
N PRO A 149 -17.89 3.56 -8.76
CA PRO A 149 -16.91 3.28 -7.72
C PRO A 149 -17.36 2.17 -6.78
N MET A 150 -16.42 1.37 -6.34
CA MET A 150 -16.71 0.30 -5.41
C MET A 150 -17.31 0.82 -4.11
N GLU A 151 -18.10 -0.03 -3.48
CA GLU A 151 -18.71 0.27 -2.19
C GLU A 151 -17.69 0.88 -1.20
N GLY A 152 -16.54 0.26 -1.09
CA GLY A 152 -15.54 0.76 -0.14
C GLY A 152 -14.97 2.11 -0.49
N ILE A 153 -14.78 2.34 -1.78
CA ILE A 153 -14.27 3.62 -2.24
C ILE A 153 -15.25 4.77 -1.94
N LYS A 154 -16.55 4.51 -2.07
CA LYS A 154 -17.53 5.52 -1.69
C LYS A 154 -17.36 5.93 -0.23
N LEU A 155 -17.16 4.94 0.65
CA LEU A 155 -16.96 5.22 2.07
C LEU A 155 -15.64 5.90 2.36
N LEU A 156 -14.60 5.52 1.64
CA LEU A 156 -13.31 6.20 1.78
C LEU A 156 -13.48 7.69 1.46
N PHE A 157 -14.18 8.02 0.37
CA PHE A 157 -14.38 9.45 0.07
C PHE A 157 -15.29 10.17 1.07
N LYS A 158 -16.29 9.46 1.57
CA LYS A 158 -17.16 10.02 2.59
C LYS A 158 -16.35 10.39 3.84
N LEU A 159 -15.44 9.51 4.26
CA LEU A 159 -14.65 9.75 5.46
C LEU A 159 -13.62 10.87 5.27
N TYR A 160 -13.02 10.93 4.08
CA TYR A 160 -12.13 12.05 3.74
C TYR A 160 -12.85 13.40 3.87
N ALA A 161 -14.08 13.45 3.36
CA ALA A 161 -14.83 14.72 3.29
C ALA A 161 -15.49 15.09 4.60
N GLU A 162 -16.01 14.11 5.32
CA GLU A 162 -16.69 14.34 6.60
C GLU A 162 -16.16 13.36 7.64
N PRO A 163 -14.91 13.57 8.11
CA PRO A 163 -14.32 12.64 9.07
C PRO A 163 -15.09 12.59 10.38
N SER A 164 -15.37 11.37 10.83
CA SER A 164 -15.98 11.10 12.12
C SER A 164 -15.62 9.69 12.58
N TYR A 165 -15.69 9.45 13.87
CA TYR A 165 -15.36 8.16 14.43
C TYR A 165 -16.37 7.13 13.92
N GLU A 166 -17.64 7.54 13.82
CA GLU A 166 -18.71 6.68 13.34
C GLU A 166 -18.49 6.27 11.89
N THR A 167 -18.17 7.22 11.02
CA THR A 167 -17.93 6.92 9.62
C THR A 167 -16.65 6.08 9.46
N LEU A 168 -15.64 6.35 10.30
CA LEU A 168 -14.48 5.50 10.31
C LEU A 168 -14.83 4.02 10.62
N LYS A 169 -15.67 3.81 11.61
CA LYS A 169 -16.10 2.47 11.97
C LYS A 169 -16.85 1.83 10.81
N GLN A 170 -17.72 2.61 10.15
CA GLN A 170 -18.47 2.10 8.99
C GLN A 170 -17.51 1.67 7.91
N MET A 171 -16.45 2.47 7.69
CA MET A 171 -15.50 2.13 6.64
C MET A 171 -14.75 0.84 6.99
N LEU A 172 -14.34 0.70 8.25
CA LEU A 172 -13.58 -0.47 8.67
C LEU A 172 -14.43 -1.73 8.61
N GLN A 173 -15.73 -1.59 8.89
CA GLN A 173 -16.67 -2.72 8.74
C GLN A 173 -16.76 -3.24 7.32
N VAL A 174 -16.59 -2.35 6.35
CA VAL A 174 -16.58 -2.77 4.95
C VAL A 174 -15.20 -3.30 4.57
N PHE A 175 -14.13 -2.70 5.13
CA PHE A 175 -12.74 -3.04 4.86
C PHE A 175 -12.39 -4.47 5.27
N LEU A 176 -12.93 -4.90 6.40
CA LEU A 176 -12.59 -6.19 6.98
C LEU A 176 -13.73 -7.13 6.76
N TYR A 177 -13.41 -8.39 6.53
CA TYR A 177 -14.45 -9.41 6.45
C TYR A 177 -15.01 -9.75 7.83
N ASP A 178 -14.11 -10.12 8.73
CA ASP A 178 -14.47 -10.50 10.10
C ASP A 178 -14.63 -9.25 10.97
N GLN A 179 -15.88 -8.91 11.28
CA GLN A 179 -16.20 -7.75 12.15
C GLN A 179 -15.57 -7.76 13.56
N SER A 180 -15.27 -8.95 14.11
CA SER A 180 -14.67 -9.08 15.44
CA SER A 180 -14.68 -9.08 15.44
C SER A 180 -13.22 -8.59 15.50
N LEU A 181 -12.67 -8.25 14.35
CA LEU A 181 -11.33 -7.75 14.31
C LEU A 181 -11.32 -6.24 14.58
N ILE A 182 -12.50 -5.62 14.56
CA ILE A 182 -12.55 -4.17 14.75
C ILE A 182 -12.59 -3.83 16.23
N THR A 183 -11.41 -3.85 16.84
CA THR A 183 -11.25 -3.52 18.24
C THR A 183 -11.20 -2.01 18.42
N GLU A 184 -11.40 -1.57 19.66
CA GLU A 184 -11.24 -0.15 20.01
C GLU A 184 -9.83 0.34 19.70
N GLU A 185 -8.84 -0.54 19.88
CA GLU A 185 -7.45 -0.19 19.59
C GLU A 185 -7.27 0.20 18.13
N LEU A 186 -7.85 -0.59 17.24
CA LEU A 186 -7.76 -0.32 15.80
C LEU A 186 -8.43 1.02 15.46
N LEU A 187 -9.66 1.18 15.92
CA LEU A 187 -10.45 2.40 15.71
C LEU A 187 -9.81 3.65 16.27
N GLN A 188 -9.38 3.61 17.54
CA GLN A 188 -8.75 4.75 18.18
C GLN A 188 -7.46 5.14 17.47
N GLY A 189 -6.71 4.14 17.02
CA GLY A 189 -5.44 4.36 16.34
C GLY A 189 -5.61 5.07 15.02
N ARG A 190 -6.57 4.60 14.23
CA ARG A 190 -6.80 5.21 12.93
C ARG A 190 -7.38 6.60 13.11
N TRP A 191 -8.23 6.73 14.12
CA TRP A 191 -8.87 8.01 14.40
C TRP A 191 -7.81 9.04 14.83
N GLU A 192 -6.84 8.62 15.64
CA GLU A 192 -5.77 9.54 16.02
C GLU A 192 -4.99 10.06 14.81
N ALA A 193 -4.68 9.19 13.85
CA ALA A 193 -3.93 9.57 12.66
C ALA A 193 -4.76 10.53 11.80
N ILE A 194 -6.07 10.34 11.82
CA ILE A 194 -6.97 11.25 11.09
C ILE A 194 -7.01 12.61 11.81
N GLN A 195 -7.21 12.60 13.11
CA GLN A 195 -7.26 13.85 13.88
C GLN A 195 -5.96 14.64 13.87
N ARG A 196 -4.83 13.93 13.79
CA ARG A 196 -3.51 14.56 13.90
C ARG A 196 -3.08 15.27 12.61
N GLN A 197 -3.66 14.89 11.48
CA GLN A 197 -3.26 15.48 10.22
C GLN A 197 -4.45 15.82 9.34
N PRO A 198 -5.32 16.77 9.78
CA PRO A 198 -6.45 17.19 8.95
C PRO A 198 -6.05 17.66 7.57
N GLU A 199 -4.89 18.30 7.44
CA GLU A 199 -4.44 18.78 6.14
C GLU A 199 -4.30 17.65 5.11
N HIS A 200 -3.92 16.46 5.56
CA HIS A 200 -3.78 15.33 4.64
C HIS A 200 -5.14 15.01 4.00
N LEU A 201 -6.21 15.14 4.77
CA LEU A 201 -7.53 14.78 4.26
C LEU A 201 -7.96 15.76 3.18
N LYS A 202 -7.85 17.05 3.49
CA LYS A 202 -8.14 18.14 2.55
C LYS A 202 -7.32 17.98 1.27
N ASN A 203 -6.03 17.73 1.41
CA ASN A 203 -5.15 17.59 0.26
C ASN A 203 -5.43 16.39 -0.60
N PHE A 204 -5.85 15.31 0.04
CA PHE A 204 -6.21 14.12 -0.71
C PHE A 204 -7.38 14.40 -1.66
N LEU A 205 -8.38 15.10 -1.14
CA LEU A 205 -9.58 15.40 -1.92
C LEU A 205 -9.27 16.33 -3.10
N ILE A 206 -8.39 17.31 -2.88
CA ILE A 206 -7.94 18.21 -3.97
C ILE A 206 -7.18 17.39 -5.02
N SER A 207 -6.29 16.53 -4.56
CA SER A 207 -5.52 15.65 -5.45
C SER A 207 -6.43 14.76 -6.31
N ALA A 208 -7.48 14.24 -5.69
CA ALA A 208 -8.35 13.27 -6.38
C ALA A 208 -9.13 13.95 -7.51
N GLN A 209 -9.46 15.22 -7.31
CA GLN A 209 -10.13 16.03 -8.35
C GLN A 209 -9.20 16.27 -9.54
N LYS A 210 -7.93 16.53 -9.23
CA LYS A 210 -6.91 16.78 -10.25
C LYS A 210 -6.53 15.54 -11.06
N ALA A 211 -6.58 14.37 -10.41
CA ALA A 211 -6.24 13.12 -11.09
C ALA A 211 -7.15 11.97 -10.63
N PRO A 212 -8.30 11.80 -11.30
CA PRO A 212 -9.28 10.76 -10.96
C PRO A 212 -8.69 9.37 -11.10
N LEU A 213 -9.39 8.38 -10.53
CA LEU A 213 -8.90 7.01 -10.53
C LEU A 213 -8.58 6.47 -11.93
N SER A 214 -9.28 6.94 -12.95
CA SER A 214 -9.01 6.53 -14.33
C SER A 214 -7.57 6.79 -14.78
N THR A 215 -6.98 7.86 -14.24
CA THR A 215 -5.61 8.26 -14.59
C THR A 215 -4.56 7.30 -14.05
N TRP A 216 -4.96 6.48 -13.09
CA TRP A 216 -4.06 5.53 -12.47
C TRP A 216 -3.87 4.29 -13.33
N ASP A 217 -4.68 4.11 -14.38
CA ASP A 217 -4.72 2.81 -15.06
C ASP A 217 -3.52 2.53 -15.95
N VAL A 218 -2.64 1.66 -15.45
CA VAL A 218 -1.40 1.27 -16.11
C VAL A 218 -1.50 -0.07 -16.83
N THR A 219 -2.72 -0.59 -16.96
CA THR A 219 -2.98 -1.88 -17.60
C THR A 219 -2.17 -2.10 -18.89
N ALA A 220 -2.14 -1.09 -19.74
CA ALA A 220 -1.53 -1.23 -21.08
C ALA A 220 -0.04 -1.48 -21.03
N ARG A 221 0.57 -1.19 -19.89
CA ARG A 221 2.01 -1.31 -19.73
C ARG A 221 2.42 -2.56 -18.95
N LEU A 222 1.44 -3.35 -18.51
CA LEU A 222 1.76 -4.50 -17.65
C LEU A 222 2.73 -5.49 -18.28
N GLY A 223 2.68 -5.62 -19.61
CA GLY A 223 3.63 -6.48 -20.32
C GLY A 223 5.10 -6.12 -20.17
N GLU A 224 5.38 -4.92 -19.68
CA GLU A 224 6.76 -4.49 -19.48
C GLU A 224 7.38 -5.06 -18.22
N ILE A 225 6.55 -5.52 -17.29
CA ILE A 225 7.06 -5.96 -15.98
C ILE A 225 7.80 -7.30 -16.06
N LYS A 226 9.10 -7.27 -15.75
CA LYS A 226 9.92 -8.47 -15.74
C LYS A 226 10.11 -9.07 -14.33
N ALA A 227 9.70 -8.33 -13.31
CA ALA A 227 9.80 -8.85 -11.95
C ALA A 227 8.93 -10.08 -11.71
N LYS A 228 9.45 -11.07 -11.00
CA LYS A 228 8.62 -12.16 -10.50
C LYS A 228 7.56 -11.58 -9.57
N THR A 229 6.30 -11.91 -9.80
CA THR A 229 5.19 -11.20 -9.15
C THR A 229 4.28 -12.17 -8.44
N PHE A 230 3.91 -11.80 -7.21
CA PHE A 230 2.98 -12.60 -6.42
C PHE A 230 1.79 -11.73 -6.16
N ILE A 231 0.60 -12.13 -6.64
CA ILE A 231 -0.59 -11.29 -6.51
C ILE A 231 -1.46 -11.94 -5.45
N THR A 232 -1.91 -11.16 -4.46
CA THR A 232 -2.88 -11.71 -3.49
C THR A 232 -4.17 -10.93 -3.55
N TRP A 233 -5.27 -11.60 -3.25
CA TRP A 233 -6.56 -10.91 -3.18
C TRP A 233 -7.35 -11.48 -2.02
N GLY A 234 -8.14 -10.60 -1.38
CA GLY A 234 -9.21 -11.08 -0.53
C GLY A 234 -10.44 -11.43 -1.35
N ARG A 235 -10.98 -12.63 -1.17
CA ARG A 235 -12.19 -13.05 -1.89
C ARG A 235 -13.31 -12.03 -1.70
N ASP A 236 -13.31 -11.37 -0.54
CA ASP A 236 -14.42 -10.52 -0.11
C ASP A 236 -14.07 -9.04 -0.08
N ASP A 237 -13.13 -8.65 -0.94
CA ASP A 237 -12.62 -7.28 -1.01
C ASP A 237 -13.70 -6.40 -1.67
N ARG A 238 -14.19 -5.42 -0.91
CA ARG A 238 -15.25 -4.49 -1.38
C ARG A 238 -14.66 -3.16 -1.81
N PHE A 239 -13.34 -3.07 -1.91
CA PHE A 239 -12.64 -1.85 -2.32
C PHE A 239 -12.02 -1.94 -3.71
N VAL A 240 -11.47 -3.10 -4.04
CA VAL A 240 -10.80 -3.32 -5.33
C VAL A 240 -11.30 -4.68 -5.85
N PRO A 241 -11.81 -4.74 -7.09
CA PRO A 241 -12.53 -5.91 -7.55
C PRO A 241 -11.67 -7.14 -7.83
N LEU A 242 -12.13 -8.28 -7.33
CA LEU A 242 -11.45 -9.57 -7.51
C LEU A 242 -10.99 -9.88 -8.93
N ASP A 243 -11.77 -9.49 -9.94
CA ASP A 243 -11.37 -9.80 -11.31
C ASP A 243 -10.10 -9.11 -11.75
N HIS A 244 -9.71 -8.05 -11.04
CA HIS A 244 -8.43 -7.42 -11.32
C HIS A 244 -7.23 -8.31 -11.00
N GLY A 245 -7.42 -9.29 -10.11
CA GLY A 245 -6.40 -10.30 -9.83
C GLY A 245 -6.16 -11.13 -11.08
N LEU A 246 -7.25 -11.47 -11.78
CA LEU A 246 -7.13 -12.15 -13.06
C LEU A 246 -6.46 -11.28 -14.12
N LYS A 247 -6.81 -9.99 -14.17
CA LYS A 247 -6.21 -9.07 -15.12
C LYS A 247 -4.70 -9.06 -14.98
N LEU A 248 -4.24 -9.00 -13.73
CA LEU A 248 -2.79 -9.00 -13.51
C LEU A 248 -2.16 -10.33 -13.89
N LEU A 249 -2.85 -11.42 -13.57
CA LEU A 249 -2.32 -12.75 -13.84
C LEU A 249 -2.17 -13.04 -15.34
N TRP A 250 -3.07 -12.49 -16.15
CA TRP A 250 -2.97 -12.69 -17.60
C TRP A 250 -2.00 -11.75 -18.29
N ASN A 251 -1.70 -10.62 -17.65
CA ASN A 251 -0.95 -9.56 -18.32
C ASN A 251 0.51 -9.42 -17.88
N ILE A 252 0.82 -9.90 -16.68
CA ILE A 252 2.21 -9.88 -16.22
C ILE A 252 2.84 -11.20 -16.56
N ASP A 253 4.07 -11.15 -17.07
CA ASP A 253 4.72 -12.35 -17.59
C ASP A 253 4.86 -13.50 -16.57
N ASP A 254 5.43 -13.22 -15.40
CA ASP A 254 5.68 -14.25 -14.41
C ASP A 254 4.97 -13.91 -13.14
N ALA A 255 3.69 -14.26 -13.07
CA ALA A 255 2.86 -13.95 -11.91
C ALA A 255 2.17 -15.21 -11.38
N ARG A 256 1.74 -15.18 -10.13
CA ARG A 256 0.81 -16.19 -9.60
C ARG A 256 -0.20 -15.44 -8.75
N LEU A 257 -1.38 -16.05 -8.56
CA LEU A 257 -2.45 -15.42 -7.82
C LEU A 257 -2.87 -16.30 -6.66
N HIS A 258 -2.95 -15.69 -5.47
CA HIS A 258 -3.43 -16.39 -4.29
C HIS A 258 -4.62 -15.62 -3.74
N VAL A 259 -5.75 -16.31 -3.63
CA VAL A 259 -6.94 -15.66 -3.09
C VAL A 259 -7.32 -16.28 -1.73
N PHE A 260 -7.40 -15.42 -0.72
CA PHE A 260 -7.82 -15.85 0.61
C PHE A 260 -9.35 -15.80 0.74
N SER A 261 -9.96 -16.84 1.29
CA SER A 261 -11.40 -16.76 1.60
CA SER A 261 -11.38 -16.81 1.62
C SER A 261 -11.59 -16.00 2.90
N LYS A 262 -12.81 -15.47 3.09
CA LYS A 262 -13.16 -14.75 4.32
C LYS A 262 -12.13 -13.66 4.57
N CYS A 263 -11.99 -12.76 3.61
CA CYS A 263 -10.93 -11.79 3.64
C CYS A 263 -11.35 -10.55 2.89
N GLY A 264 -11.27 -9.40 3.54
CA GLY A 264 -11.47 -8.12 2.87
C GLY A 264 -10.23 -7.58 2.21
N ALA A 265 -10.06 -6.26 2.31
CA ALA A 265 -8.99 -5.52 1.64
C ALA A 265 -7.71 -5.41 2.47
N TRP A 266 -7.59 -6.18 3.54
CA TRP A 266 -6.38 -6.08 4.39
C TRP A 266 -5.86 -7.48 4.68
N ALA A 267 -5.59 -8.24 3.61
CA ALA A 267 -5.20 -9.63 3.72
C ALA A 267 -3.99 -9.83 4.62
N GLN A 268 -3.04 -8.89 4.58
CA GLN A 268 -1.83 -9.04 5.40
C GLN A 268 -2.10 -8.98 6.91
N TRP A 269 -3.25 -8.43 7.26
CA TRP A 269 -3.67 -8.32 8.65
C TRP A 269 -4.71 -9.40 8.95
N GLU A 270 -5.70 -9.57 8.08
CA GLU A 270 -6.76 -10.55 8.30
C GLU A 270 -6.29 -12.00 8.25
N HIS A 271 -5.30 -12.26 7.38
CA HIS A 271 -4.75 -13.62 7.21
C HIS A 271 -3.23 -13.55 7.34
N ALA A 272 -2.77 -12.91 8.42
CA ALA A 272 -1.35 -12.56 8.57
C ALA A 272 -0.42 -13.78 8.55
N ASP A 273 -0.80 -14.85 9.25
CA ASP A 273 0.08 -16.03 9.30
C ASP A 273 0.28 -16.65 7.93
N GLU A 274 -0.81 -16.86 7.20
CA GLU A 274 -0.69 -17.46 5.88
C GLU A 274 0.00 -16.49 4.92
N PHE A 275 -0.40 -15.21 4.96
CA PHE A 275 0.26 -14.19 4.15
C PHE A 275 1.78 -14.16 4.38
N ASN A 276 2.19 -14.10 5.64
CA ASN A 276 3.63 -14.07 5.97
C ASN A 276 4.35 -15.30 5.43
N ARG A 277 3.78 -16.49 5.67
CA ARG A 277 4.41 -17.71 5.17
C ARG A 277 4.54 -17.75 3.65
N LEU A 278 3.46 -17.40 2.95
CA LEU A 278 3.47 -17.42 1.49
C LEU A 278 4.46 -16.44 0.90
N VAL A 279 4.45 -15.20 1.40
CA VAL A 279 5.31 -14.16 0.83
C VAL A 279 6.79 -14.41 1.17
N ILE A 280 7.06 -14.82 2.40
CA ILE A 280 8.43 -15.19 2.75
C ILE A 280 8.93 -16.36 1.86
N ASP A 281 8.09 -17.39 1.66
CA ASP A 281 8.46 -18.51 0.79
C ASP A 281 8.75 -18.03 -0.64
N PHE A 282 7.92 -17.13 -1.14
CA PHE A 282 8.06 -16.56 -2.46
C PHE A 282 9.38 -15.79 -2.58
N LEU A 283 9.66 -14.94 -1.60
CA LEU A 283 10.93 -14.20 -1.59
C LEU A 283 12.15 -15.11 -1.55
N ARG A 284 12.08 -16.17 -0.76
CA ARG A 284 13.22 -17.09 -0.64
C ARG A 284 13.41 -17.97 -1.86
N HIS A 285 12.32 -18.47 -2.43
CA HIS A 285 12.40 -19.62 -3.33
C HIS A 285 11.95 -19.42 -4.78
N ALA A 286 11.13 -18.41 -5.02
CA ALA A 286 10.62 -18.20 -6.38
C ALA A 286 11.72 -17.80 -7.34
#